data_6OIE
#
_entry.id   6OIE
#
_cell.length_a   32.583
_cell.length_b   69.535
_cell.length_c   70.187
_cell.angle_alpha   90.00
_cell.angle_beta   97.28
_cell.angle_gamma   90.00
#
_symmetry.space_group_name_H-M   'P 1 21 1'
#
loop_
_entity.id
_entity.type
_entity.pdbx_description
1 polymer 'Histone acetyltransferase KAT6B'
2 polymer 'Histone H3.1t peptide'
3 non-polymer 'ZINC ION'
4 water water
#
loop_
_entity_poly.entity_id
_entity_poly.type
_entity_poly.pdbx_seq_one_letter_code
_entity_poly.pdbx_strand_id
1 'polypeptide(L)'
;GSHMDPIPICSFCLGTKESNREKKPEELLSCADCGSSGHPSCLKFCPELTTNVKALRWQCIECKTCSACRVQGRNADNML
FCDSCDRGFHMECCDPPLSRMPKGMWICQVCRPKKK
;
A,B
2 'polypeptide(L)' ARTKQTARKSTGG(KCR)APRKQ C,D
#
loop_
_chem_comp.id
_chem_comp.type
_chem_comp.name
_chem_comp.formula
ZN non-polymer 'ZINC ION' 'Zn 2'
#
# COMPACT_ATOMS: atom_id res chain seq x y z
N MET A 4 0.44 -3.84 -18.93
CA MET A 4 1.01 -4.35 -20.17
C MET A 4 0.23 -5.58 -20.63
N ASP A 5 0.15 -5.79 -21.94
CA ASP A 5 -0.69 -6.83 -22.49
C ASP A 5 -0.12 -8.22 -22.19
N PRO A 6 -0.97 -9.23 -22.06
CA PRO A 6 -0.53 -10.52 -21.48
C PRO A 6 0.48 -11.21 -22.39
N ILE A 7 1.43 -11.88 -21.74
CA ILE A 7 2.34 -12.79 -22.44
C ILE A 7 1.67 -14.14 -22.47
N PRO A 8 1.36 -14.71 -23.69
CA PRO A 8 0.53 -15.92 -23.76
C PRO A 8 1.23 -17.21 -23.37
N ILE A 9 2.24 -17.12 -22.52
CA ILE A 9 3.08 -18.24 -22.13
C ILE A 9 3.12 -18.25 -20.62
N CYS A 10 3.07 -19.44 -20.02
CA CYS A 10 3.24 -19.57 -18.58
C CYS A 10 4.70 -19.44 -18.19
N SER A 11 4.99 -18.53 -17.25
CA SER A 11 6.36 -18.33 -16.77
C SER A 11 6.96 -19.57 -16.11
N PHE A 12 6.15 -20.50 -15.65
CA PHE A 12 6.70 -21.65 -14.93
C PHE A 12 6.94 -22.87 -15.81
N CYS A 13 6.02 -23.21 -16.71
CA CYS A 13 6.18 -24.39 -17.55
C CYS A 13 6.37 -24.06 -19.02
N LEU A 14 6.34 -22.78 -19.38
CA LEU A 14 6.51 -22.27 -20.74
C LEU A 14 5.42 -22.75 -21.70
N GLY A 15 4.35 -23.38 -21.20
CA GLY A 15 3.28 -23.77 -22.09
C GLY A 15 2.29 -22.65 -22.34
N THR A 16 1.56 -22.77 -23.44
CA THR A 16 0.47 -21.84 -23.73
C THR A 16 -0.77 -22.25 -22.95
N LYS A 17 -1.89 -21.58 -23.19
CA LYS A 17 -3.16 -22.01 -22.66
C LYS A 17 -3.59 -23.36 -23.21
N GLU A 18 -2.90 -23.88 -24.21
CA GLU A 18 -3.24 -25.17 -24.77
C GLU A 18 -2.43 -26.31 -24.16
N SER A 19 -1.47 -26.04 -23.25
CA SER A 19 -0.65 -27.14 -22.73
C SER A 19 -0.04 -26.73 -21.38
N ASN A 20 -0.71 -27.11 -20.29
CA ASN A 20 -0.13 -26.93 -18.96
C ASN A 20 0.90 -28.02 -18.74
N ARG A 21 1.31 -28.22 -17.48
CA ARG A 21 2.34 -29.22 -17.20
C ARG A 21 1.87 -30.64 -17.51
N GLU A 22 0.57 -30.88 -17.50
CA GLU A 22 0.04 -32.19 -17.87
C GLU A 22 -0.27 -32.28 -19.35
N LYS A 23 0.14 -31.27 -20.13
CA LYS A 23 -0.11 -31.21 -21.57
C LYS A 23 -1.59 -31.09 -21.89
N LYS A 24 -2.33 -30.44 -21.00
CA LYS A 24 -3.78 -30.24 -21.07
C LYS A 24 -4.09 -28.75 -21.18
N PRO A 25 -5.21 -28.39 -21.82
CA PRO A 25 -5.55 -26.97 -21.95
C PRO A 25 -5.96 -26.37 -20.62
N GLU A 26 -5.59 -25.12 -20.42
CA GLU A 26 -5.86 -24.40 -19.18
C GLU A 26 -5.55 -22.93 -19.39
N GLU A 27 -6.52 -22.06 -19.11
CA GLU A 27 -6.34 -20.64 -19.36
C GLU A 27 -5.32 -20.05 -18.41
N LEU A 28 -4.62 -19.02 -18.87
CA LEU A 28 -3.60 -18.35 -18.08
C LEU A 28 -4.19 -17.23 -17.24
N LEU A 29 -3.57 -16.99 -16.09
CA LEU A 29 -3.71 -15.74 -15.36
C LEU A 29 -2.55 -14.84 -15.75
N SER A 30 -2.82 -13.55 -15.91
CA SER A 30 -1.82 -12.63 -16.43
C SER A 30 -1.72 -11.39 -15.55
N CYS A 31 -0.49 -11.01 -15.23
CA CYS A 31 -0.24 -9.87 -14.36
C CYS A 31 -0.59 -8.58 -15.09
N ALA A 32 -1.39 -7.74 -14.45
CA ALA A 32 -1.79 -6.49 -15.08
C ALA A 32 -0.64 -5.51 -15.20
N ASP A 33 0.42 -5.67 -14.40
CA ASP A 33 1.51 -4.70 -14.44
C ASP A 33 2.63 -5.11 -15.41
N CYS A 34 3.08 -6.35 -15.35
CA CYS A 34 4.21 -6.78 -16.16
C CYS A 34 3.82 -7.74 -17.29
N GLY A 35 2.59 -8.24 -17.31
CA GLY A 35 2.17 -9.11 -18.38
C GLY A 35 2.62 -10.55 -18.26
N SER A 36 3.42 -10.90 -17.26
CA SER A 36 3.76 -12.30 -17.04
C SER A 36 2.50 -13.10 -16.74
N SER A 37 2.51 -14.36 -17.19
CA SER A 37 1.35 -15.23 -17.04
C SER A 37 1.73 -16.54 -16.35
N GLY A 38 0.70 -17.25 -15.89
CA GLY A 38 0.91 -18.56 -15.32
C GLY A 38 -0.36 -19.37 -15.34
N HIS A 39 -0.25 -20.67 -15.57
CA HIS A 39 -1.40 -21.53 -15.35
C HIS A 39 -1.75 -21.54 -13.86
N PRO A 40 -3.03 -21.44 -13.51
CA PRO A 40 -3.40 -21.60 -12.10
C PRO A 40 -2.80 -22.86 -11.47
N SER A 41 -2.82 -24.00 -12.20
CA SER A 41 -2.22 -25.22 -11.67
C SER A 41 -0.74 -25.01 -11.37
N CYS A 42 -0.04 -24.23 -12.20
CA CYS A 42 1.38 -23.96 -11.97
C CYS A 42 1.57 -23.00 -10.81
N LEU A 43 0.68 -22.01 -10.69
CA LEU A 43 0.70 -21.11 -9.53
C LEU A 43 0.25 -21.78 -8.25
N LYS A 44 -0.30 -22.99 -8.32
CA LYS A 44 -0.83 -23.72 -7.17
C LYS A 44 -2.06 -23.05 -6.57
N PHE A 45 -2.85 -22.36 -7.39
CA PHE A 45 -4.07 -21.73 -6.91
C PHE A 45 -5.20 -22.75 -6.89
N CYS A 46 -6.03 -22.69 -5.86
CA CYS A 46 -7.20 -23.54 -5.83
C CYS A 46 -8.27 -22.99 -6.77
N PRO A 47 -9.23 -23.82 -7.19
CA PRO A 47 -10.23 -23.37 -8.16
C PRO A 47 -10.98 -22.09 -7.78
N GLU A 48 -11.43 -21.91 -6.53
CA GLU A 48 -12.24 -20.73 -6.29
C GLU A 48 -11.40 -19.47 -6.15
N LEU A 49 -10.18 -19.59 -5.62
CA LEU A 49 -9.22 -18.50 -5.71
C LEU A 49 -9.01 -18.10 -7.16
N THR A 50 -8.83 -19.09 -8.03
CA THR A 50 -8.61 -18.83 -9.45
C THR A 50 -9.79 -18.06 -10.05
N THR A 51 -11.01 -18.53 -9.84
CA THR A 51 -12.14 -17.81 -10.43
C THR A 51 -12.30 -16.43 -9.82
N ASN A 52 -11.89 -16.24 -8.56
CA ASN A 52 -11.92 -14.89 -7.99
C ASN A 52 -10.88 -14.00 -8.65
N VAL A 53 -9.66 -14.51 -8.78
CA VAL A 53 -8.57 -13.72 -9.34
C VAL A 53 -8.87 -13.36 -10.79
N LYS A 54 -9.62 -14.21 -11.50
CA LYS A 54 -9.87 -13.94 -12.91
C LYS A 54 -10.68 -12.67 -13.11
N ALA A 55 -11.52 -12.33 -12.13
CA ALA A 55 -12.41 -11.17 -12.25
C ALA A 55 -11.78 -9.89 -11.73
N LEU A 56 -10.53 -9.93 -11.28
CA LEU A 56 -9.86 -8.79 -10.65
C LEU A 56 -8.67 -8.34 -11.47
N ARG A 57 -8.11 -7.19 -11.09
CA ARG A 57 -6.84 -6.72 -11.64
C ARG A 57 -5.73 -7.39 -10.85
N TRP A 58 -5.15 -8.45 -11.40
CA TRP A 58 -4.23 -9.29 -10.65
C TRP A 58 -2.79 -8.86 -10.90
N GLN A 59 -1.96 -8.95 -9.86
CA GLN A 59 -0.52 -8.78 -10.01
C GLN A 59 0.18 -10.08 -9.63
N CYS A 60 1.26 -10.38 -10.36
CA CYS A 60 2.07 -11.54 -10.03
C CYS A 60 2.80 -11.32 -8.71
N ILE A 61 3.47 -12.38 -8.26
CA ILE A 61 4.13 -12.39 -6.96
C ILE A 61 5.13 -11.27 -6.85
N GLU A 62 5.87 -11.00 -7.94
CA GLU A 62 6.95 -10.01 -7.87
C GLU A 62 6.44 -8.58 -8.00
N CYS A 63 5.34 -8.37 -8.72
CA CYS A 63 4.75 -7.04 -8.87
C CYS A 63 3.84 -6.64 -7.71
N LYS A 64 3.36 -7.60 -6.93
CA LYS A 64 2.31 -7.37 -5.95
C LYS A 64 2.69 -6.28 -4.95
N THR A 65 1.87 -5.23 -4.87
CA THR A 65 1.98 -4.21 -3.82
C THR A 65 0.81 -4.36 -2.85
N CYS A 66 1.03 -3.89 -1.61
CA CYS A 66 0.00 -3.98 -0.58
C CYS A 66 -1.24 -3.21 -1.03
N SER A 67 -2.42 -3.84 -0.94
CA SER A 67 -3.64 -3.18 -1.40
C SER A 67 -4.03 -2.01 -0.53
N ALA A 68 -3.56 -1.96 0.73
CA ALA A 68 -3.93 -0.84 1.58
C ALA A 68 -3.00 0.34 1.36
N CYS A 69 -1.70 0.14 1.54
CA CYS A 69 -0.78 1.28 1.48
C CYS A 69 -0.10 1.47 0.14
N ARG A 70 -0.20 0.49 -0.76
CA ARG A 70 0.22 0.57 -2.15
C ARG A 70 1.73 0.57 -2.34
N VAL A 71 2.50 0.08 -1.38
CA VAL A 71 3.94 -0.04 -1.55
C VAL A 71 4.37 -1.50 -1.32
N GLN A 72 5.61 -1.80 -1.70
CA GLN A 72 6.23 -3.06 -1.32
C GLN A 72 7.02 -2.90 -0.02
N GLY A 73 8.03 -2.03 -0.02
CA GLY A 73 8.83 -1.78 1.15
C GLY A 73 9.89 -2.85 1.35
N ARG A 74 10.71 -2.65 2.40
CA ARG A 74 11.85 -3.53 2.65
C ARG A 74 11.46 -4.90 3.17
N ASN A 75 10.28 -5.04 3.77
CA ASN A 75 9.80 -6.32 4.26
C ASN A 75 8.72 -6.92 3.37
N ALA A 76 8.82 -6.72 2.07
CA ALA A 76 7.77 -7.17 1.15
C ALA A 76 7.60 -8.69 1.15
N ASP A 77 8.65 -9.43 1.55
CA ASP A 77 8.58 -10.88 1.52
C ASP A 77 7.60 -11.45 2.56
N ASN A 78 7.27 -10.69 3.61
CA ASN A 78 6.33 -11.11 4.63
C ASN A 78 4.94 -10.50 4.44
N MET A 79 4.67 -9.98 3.25
CA MET A 79 3.32 -9.53 2.93
C MET A 79 2.41 -10.75 2.77
N LEU A 80 1.26 -10.72 3.46
CA LEU A 80 0.28 -11.81 3.39
C LEU A 80 -0.48 -11.77 2.07
N PHE A 81 -0.77 -12.95 1.49
CA PHE A 81 -1.63 -13.03 0.31
C PHE A 81 -2.97 -13.62 0.70
N CYS A 82 -4.06 -12.95 0.30
CA CYS A 82 -5.41 -13.37 0.67
C CYS A 82 -5.75 -14.73 0.07
N ASP A 83 -6.23 -15.65 0.90
CA ASP A 83 -6.60 -16.95 0.37
C ASP A 83 -7.85 -16.89 -0.49
N SER A 84 -8.59 -15.80 -0.44
CA SER A 84 -9.77 -15.67 -1.29
C SER A 84 -9.48 -14.93 -2.59
N CYS A 85 -8.71 -13.85 -2.56
CA CYS A 85 -8.55 -12.98 -3.74
C CYS A 85 -7.11 -12.74 -4.17
N ASP A 86 -6.12 -13.29 -3.46
CA ASP A 86 -4.70 -13.12 -3.73
C ASP A 86 -4.19 -11.69 -3.57
N ARG A 87 -5.01 -10.75 -3.07
CA ARG A 87 -4.44 -9.44 -2.76
C ARG A 87 -3.39 -9.58 -1.67
N GLY A 88 -2.38 -8.71 -1.73
CA GLY A 88 -1.32 -8.67 -0.73
C GLY A 88 -1.61 -7.60 0.30
N PHE A 89 -1.27 -7.90 1.55
CA PHE A 89 -1.38 -6.95 2.65
C PHE A 89 -0.17 -7.09 3.56
N HIS A 90 0.52 -5.99 3.84
CA HIS A 90 1.47 -6.01 4.95
C HIS A 90 0.73 -6.35 6.23
N MET A 91 1.44 -6.97 7.18
CA MET A 91 0.85 -7.23 8.50
C MET A 91 0.41 -5.94 9.18
N GLU A 92 1.25 -4.92 9.14
CA GLU A 92 0.91 -3.67 9.81
C GLU A 92 -0.23 -2.92 9.13
N CYS A 93 -0.70 -3.38 7.98
CA CYS A 93 -1.79 -2.76 7.24
C CYS A 93 -3.08 -3.54 7.30
N CYS A 94 -3.10 -4.67 8.02
CA CYS A 94 -4.31 -5.45 8.16
C CYS A 94 -5.28 -4.74 9.10
N ASP A 95 -6.46 -5.30 9.26
CA ASP A 95 -7.56 -4.65 9.97
C ASP A 95 -8.05 -5.62 11.05
N PRO A 96 -7.50 -5.54 12.27
CA PRO A 96 -6.47 -4.59 12.73
C PRO A 96 -5.06 -5.03 12.34
N PRO A 97 -4.06 -4.16 12.53
CA PRO A 97 -2.69 -4.56 12.23
C PRO A 97 -2.29 -5.79 13.04
N LEU A 98 -1.62 -6.72 12.38
CA LEU A 98 -1.22 -7.97 13.01
C LEU A 98 0.19 -7.87 13.55
N SER A 99 0.42 -8.45 14.73
CA SER A 99 1.78 -8.63 15.23
C SER A 99 2.24 -10.08 15.18
N ARG A 100 1.36 -11.01 14.78
CA ARG A 100 1.71 -12.42 14.64
C ARG A 100 1.25 -12.92 13.29
N MET A 101 2.08 -13.72 12.65
CA MET A 101 1.73 -14.32 11.37
C MET A 101 0.58 -15.32 11.54
N PRO A 102 -0.55 -15.12 10.87
CA PRO A 102 -1.66 -16.09 10.98
C PRO A 102 -1.22 -17.48 10.53
N LYS A 103 -1.62 -18.48 11.30
CA LYS A 103 -1.45 -19.87 10.89
C LYS A 103 -2.65 -20.27 10.03
N GLY A 104 -2.37 -20.85 8.88
CA GLY A 104 -3.45 -21.33 8.05
C GLY A 104 -4.19 -20.20 7.35
N MET A 105 -5.43 -20.53 6.96
CA MET A 105 -6.21 -19.69 6.06
C MET A 105 -6.38 -18.28 6.62
N TRP A 106 -6.18 -17.29 5.74
CA TRP A 106 -6.36 -15.90 6.09
C TRP A 106 -7.07 -15.18 4.93
N ILE A 107 -8.04 -14.34 5.27
CA ILE A 107 -8.87 -13.66 4.28
C ILE A 107 -8.86 -12.16 4.55
N CYS A 108 -8.61 -11.36 3.52
CA CYS A 108 -8.35 -9.93 3.69
C CYS A 108 -9.64 -9.14 3.93
N GLN A 109 -9.48 -7.86 4.30
CA GLN A 109 -10.62 -7.01 4.64
C GLN A 109 -11.52 -6.74 3.45
N VAL A 110 -10.97 -6.75 2.23
CA VAL A 110 -11.79 -6.50 1.05
C VAL A 110 -12.81 -7.61 0.88
N CYS A 111 -12.40 -8.85 1.12
CA CYS A 111 -13.29 -9.98 0.98
C CYS A 111 -14.26 -10.16 2.15
N ARG A 112 -13.98 -9.58 3.32
CA ARG A 112 -14.88 -9.80 4.44
C ARG A 112 -16.19 -9.02 4.25
N PRO A 113 -17.30 -9.50 4.81
CA PRO A 113 -18.56 -8.75 4.70
C PRO A 113 -18.52 -7.43 5.46
N LYS A 114 -19.33 -6.48 4.98
CA LYS A 114 -19.42 -5.13 5.56
C LYS A 114 -19.89 -5.17 7.00
N MET B 4 -7.78 2.50 14.35
CA MET B 4 -8.98 2.69 15.15
C MET B 4 -10.06 3.40 14.33
N ASP B 5 -11.28 3.40 14.84
CA ASP B 5 -12.37 4.09 14.15
C ASP B 5 -12.07 5.59 14.07
N PRO B 6 -12.50 6.24 12.99
CA PRO B 6 -12.20 7.67 12.83
C PRO B 6 -12.87 8.50 13.89
N ILE B 7 -12.13 9.47 14.40
CA ILE B 7 -12.67 10.47 15.32
C ILE B 7 -13.32 11.53 14.45
N PRO B 8 -14.62 11.82 14.62
CA PRO B 8 -15.29 12.71 13.67
C PRO B 8 -15.04 14.18 13.95
N ILE B 9 -13.90 14.48 14.59
CA ILE B 9 -13.49 15.83 14.95
C ILE B 9 -12.12 16.11 14.38
N CYS B 10 -11.90 17.35 13.91
CA CYS B 10 -10.59 17.78 13.43
C CYS B 10 -9.67 18.11 14.61
N SER B 11 -8.47 17.52 14.62
CA SER B 11 -7.54 17.74 15.73
C SER B 11 -7.04 19.18 15.80
N PHE B 12 -7.19 19.96 14.74
CA PHE B 12 -6.65 21.32 14.75
C PHE B 12 -7.69 22.38 15.09
N CYS B 13 -8.89 22.29 14.53
CA CYS B 13 -9.92 23.28 14.83
C CYS B 13 -11.11 22.73 15.59
N LEU B 14 -11.11 21.43 15.89
CA LEU B 14 -12.15 20.74 16.62
C LEU B 14 -13.54 20.85 15.99
N GLY B 15 -13.61 21.20 14.71
CA GLY B 15 -14.85 21.08 14.00
C GLY B 15 -15.07 19.67 13.45
N THR B 16 -16.34 19.36 13.22
CA THR B 16 -16.73 18.18 12.48
C THR B 16 -16.63 18.46 10.97
N LYS B 17 -17.05 17.48 10.17
CA LYS B 17 -17.18 17.67 8.74
C LYS B 17 -18.16 18.76 8.36
N GLU B 18 -18.98 19.25 9.30
CA GLU B 18 -19.92 20.31 8.97
C GLU B 18 -19.37 21.71 9.23
N SER B 19 -18.21 21.84 9.91
CA SER B 19 -17.72 23.17 10.28
C SER B 19 -16.19 23.16 10.34
N ASN B 20 -15.56 23.57 9.23
CA ASN B 20 -14.11 23.74 9.23
C ASN B 20 -13.75 25.10 9.82
N ARG B 21 -12.52 25.57 9.62
CA ARG B 21 -12.08 26.82 10.25
C ARG B 21 -12.89 28.02 9.75
N GLU B 22 -13.32 27.99 8.49
CA GLU B 22 -14.20 29.02 7.95
C GLU B 22 -15.67 28.69 8.18
N LYS B 23 -15.96 27.68 9.01
CA LYS B 23 -17.31 27.35 9.40
C LYS B 23 -18.14 26.90 8.19
N LYS B 24 -17.48 26.21 7.27
CA LYS B 24 -18.03 25.59 6.07
C LYS B 24 -17.84 24.09 6.12
N PRO B 25 -18.72 23.32 5.49
CA PRO B 25 -18.52 21.86 5.47
C PRO B 25 -17.27 21.48 4.69
N GLU B 26 -16.57 20.46 5.20
CA GLU B 26 -15.36 19.95 4.55
C GLU B 26 -15.09 18.56 5.10
N GLU B 27 -14.84 17.61 4.21
CA GLU B 27 -14.56 16.23 4.59
C GLU B 27 -13.35 16.16 5.54
N LEU B 28 -13.32 15.08 6.32
CA LEU B 28 -12.24 14.79 7.26
C LEU B 28 -11.36 13.67 6.71
N LEU B 29 -10.05 13.87 6.76
CA LEU B 29 -9.09 12.79 6.56
C LEU B 29 -8.75 12.20 7.92
N SER B 30 -8.68 10.87 8.00
CA SER B 30 -8.55 10.19 9.28
C SER B 30 -7.36 9.25 9.27
N CYS B 31 -6.60 9.25 10.37
CA CYS B 31 -5.44 8.39 10.45
C CYS B 31 -5.86 6.95 10.70
N ALA B 32 -5.30 6.04 9.92
CA ALA B 32 -5.72 4.64 9.96
C ALA B 32 -5.25 3.94 11.23
N ASP B 33 -4.22 4.45 11.88
CA ASP B 33 -3.70 3.78 13.06
C ASP B 33 -4.31 4.34 14.35
N CYS B 34 -4.46 5.65 14.47
CA CYS B 34 -4.97 6.23 15.71
C CYS B 34 -6.34 6.88 15.58
N GLY B 35 -6.89 7.03 14.37
CA GLY B 35 -8.21 7.61 14.20
C GLY B 35 -8.28 9.13 14.26
N SER B 36 -7.19 9.82 14.61
CA SER B 36 -7.21 11.28 14.60
C SER B 36 -7.52 11.79 13.22
N SER B 37 -8.27 12.88 13.15
CA SER B 37 -8.75 13.40 11.88
C SER B 37 -8.39 14.88 11.73
N GLY B 38 -8.42 15.36 10.49
CA GLY B 38 -8.24 16.77 10.20
C GLY B 38 -8.83 17.15 8.87
N HIS B 39 -9.33 18.38 8.79
CA HIS B 39 -9.73 18.92 7.48
C HIS B 39 -8.48 19.07 6.61
N PRO B 40 -8.55 18.69 5.33
CA PRO B 40 -7.44 19.00 4.42
C PRO B 40 -6.97 20.44 4.50
N SER B 41 -7.90 21.40 4.60
CA SER B 41 -7.49 22.81 4.75
C SER B 41 -6.74 23.05 6.05
N CYS B 42 -7.08 22.32 7.12
CA CYS B 42 -6.34 22.46 8.37
C CYS B 42 -4.99 21.77 8.32
N LEU B 43 -4.87 20.69 7.55
CA LEU B 43 -3.61 20.01 7.33
C LEU B 43 -2.71 20.76 6.35
N LYS B 44 -3.24 21.82 5.73
CA LYS B 44 -2.53 22.58 4.70
C LYS B 44 -2.16 21.71 3.51
N PHE B 45 -3.09 20.84 3.12
CA PHE B 45 -2.96 20.02 1.91
C PHE B 45 -3.58 20.77 0.73
N CYS B 46 -2.93 20.69 -0.43
CA CYS B 46 -3.57 21.14 -1.67
C CYS B 46 -4.55 20.07 -2.11
N PRO B 47 -5.45 20.39 -3.05
CA PRO B 47 -6.40 19.36 -3.52
C PRO B 47 -5.74 18.15 -4.17
N GLU B 48 -4.59 18.33 -4.83
N GLU B 48 -4.59 18.33 -4.85
CA GLU B 48 -3.90 17.20 -5.43
CA GLU B 48 -3.89 17.19 -5.43
C GLU B 48 -3.42 16.23 -4.37
C GLU B 48 -3.46 16.22 -4.34
N LEU B 49 -2.81 16.75 -3.30
CA LEU B 49 -2.38 15.92 -2.18
C LEU B 49 -3.58 15.28 -1.50
N THR B 50 -4.65 16.06 -1.30
CA THR B 50 -5.84 15.55 -0.66
C THR B 50 -6.40 14.35 -1.43
N THR B 51 -6.51 14.47 -2.76
CA THR B 51 -7.04 13.38 -3.56
C THR B 51 -6.12 12.16 -3.52
N ASN B 52 -4.81 12.36 -3.64
CA ASN B 52 -3.88 11.23 -3.63
C ASN B 52 -3.94 10.48 -2.31
N VAL B 53 -4.07 11.21 -1.19
CA VAL B 53 -4.09 10.59 0.13
C VAL B 53 -5.31 9.68 0.29
N LYS B 54 -6.42 10.03 -0.39
CA LYS B 54 -7.64 9.25 -0.25
C LYS B 54 -7.55 7.88 -0.89
N ALA B 55 -6.53 7.63 -1.71
CA ALA B 55 -6.35 6.35 -2.37
C ALA B 55 -5.42 5.41 -1.60
N LEU B 56 -4.92 5.81 -0.43
CA LEU B 56 -3.98 4.98 0.31
C LEU B 56 -4.36 4.95 1.78
N ARG B 57 -3.76 4.00 2.49
CA ARG B 57 -3.83 3.94 3.95
C ARG B 57 -3.01 5.09 4.54
N TRP B 58 -3.70 6.12 5.02
CA TRP B 58 -3.02 7.34 5.47
C TRP B 58 -2.72 7.27 6.97
N GLN B 59 -1.56 7.80 7.35
CA GLN B 59 -1.21 7.98 8.75
C GLN B 59 -0.96 9.45 9.05
N CYS B 60 -1.40 9.87 10.22
CA CYS B 60 -1.16 11.22 10.69
C CYS B 60 0.32 11.41 11.04
N ILE B 61 0.66 12.65 11.37
CA ILE B 61 2.05 13.03 11.62
C ILE B 61 2.65 12.18 12.73
N GLU B 62 1.86 11.86 13.74
CA GLU B 62 2.39 11.14 14.89
C GLU B 62 2.51 9.65 14.65
N CYS B 63 1.68 9.08 13.80
CA CYS B 63 1.77 7.66 13.52
C CYS B 63 2.69 7.31 12.35
N LYS B 64 3.09 8.30 11.55
CA LYS B 64 3.69 8.02 10.25
C LYS B 64 4.92 7.13 10.37
N THR B 65 4.94 6.04 9.60
CA THR B 65 6.11 5.19 9.50
C THR B 65 6.74 5.42 8.13
N CYS B 66 8.06 5.20 8.07
CA CYS B 66 8.76 5.31 6.80
C CYS B 66 8.23 4.25 5.83
N SER B 67 7.87 4.69 4.62
CA SER B 67 7.26 3.77 3.66
C SER B 67 8.23 2.72 3.14
N ALA B 68 9.53 2.93 3.29
CA ALA B 68 10.50 1.95 2.83
C ALA B 68 10.89 0.96 3.93
N CYS B 69 11.30 1.44 5.12
CA CYS B 69 11.76 0.54 6.17
C CYS B 69 10.67 0.20 7.19
N ARG B 70 9.49 0.83 7.09
CA ARG B 70 8.27 0.42 7.78
C ARG B 70 8.28 0.76 9.27
N VAL B 71 9.16 1.64 9.73
CA VAL B 71 9.18 2.05 11.13
C VAL B 71 9.35 3.56 11.22
N GLN B 72 9.10 4.08 12.42
CA GLN B 72 9.26 5.51 12.69
C GLN B 72 10.72 5.90 12.84
N GLY B 73 11.54 5.01 13.41
CA GLY B 73 12.93 5.30 13.64
C GLY B 73 13.12 6.21 14.85
N ARG B 74 14.38 6.37 15.25
CA ARG B 74 14.64 7.06 16.50
C ARG B 74 14.49 8.57 16.38
N ASN B 75 15.02 9.17 15.31
CA ASN B 75 14.99 10.61 15.14
C ASN B 75 13.74 11.04 14.39
N ALA B 76 13.03 12.03 14.93
CA ALA B 76 11.89 12.61 14.25
C ALA B 76 12.27 13.68 13.22
N ASP B 77 13.53 14.16 13.25
CA ASP B 77 14.00 15.25 12.40
C ASP B 77 14.42 14.83 11.00
N ASN B 78 14.59 13.54 10.73
CA ASN B 78 15.11 13.13 9.43
C ASN B 78 14.02 12.52 8.56
N MET B 79 12.76 12.66 8.93
CA MET B 79 11.65 12.21 8.10
C MET B 79 11.17 13.36 7.21
N LEU B 80 10.95 13.09 5.93
CA LEU B 80 10.34 14.08 5.06
C LEU B 80 9.10 13.51 4.40
N PHE B 81 8.21 14.39 3.94
CA PHE B 81 6.90 13.98 3.46
C PHE B 81 6.75 14.35 2.00
N CYS B 82 6.35 13.38 1.21
CA CYS B 82 6.19 13.60 -0.23
C CYS B 82 5.14 14.67 -0.47
N ASP B 83 5.44 15.62 -1.36
CA ASP B 83 4.50 16.67 -1.69
C ASP B 83 3.38 16.18 -2.61
N SER B 84 3.45 14.95 -3.12
CA SER B 84 2.39 14.38 -3.94
C SER B 84 1.49 13.41 -3.18
N CYS B 85 2.01 12.67 -2.20
CA CYS B 85 1.21 11.64 -1.54
C CYS B 85 1.26 11.64 -0.04
N ASP B 86 2.08 12.50 0.59
CA ASP B 86 2.23 12.64 2.03
C ASP B 86 2.89 11.45 2.70
N ARG B 87 3.46 10.51 1.93
CA ARG B 87 4.19 9.43 2.59
C ARG B 87 5.45 9.98 3.25
N GLY B 88 5.83 9.34 4.36
CA GLY B 88 7.05 9.68 5.05
C GLY B 88 8.17 8.76 4.64
N PHE B 89 9.37 9.33 4.59
CA PHE B 89 10.59 8.59 4.29
C PHE B 89 11.71 9.15 5.15
N HIS B 90 12.56 8.26 5.66
CA HIS B 90 13.80 8.71 6.27
C HIS B 90 14.72 9.22 5.18
N MET B 91 15.61 10.15 5.54
CA MET B 91 16.59 10.63 4.57
C MET B 91 17.42 9.47 4.04
N GLU B 92 17.79 8.54 4.91
CA GLU B 92 18.63 7.41 4.52
C GLU B 92 17.86 6.38 3.72
N CYS B 93 16.53 6.43 3.73
CA CYS B 93 15.70 5.48 3.00
C CYS B 93 15.25 6.02 1.65
N CYS B 94 15.72 7.21 1.27
CA CYS B 94 15.44 7.73 -0.05
C CYS B 94 16.38 7.11 -1.06
N ASP B 95 16.17 7.43 -2.33
CA ASP B 95 16.85 6.73 -3.41
C ASP B 95 17.35 7.73 -4.46
N PRO B 96 18.64 8.11 -4.42
CA PRO B 96 19.65 7.66 -3.46
C PRO B 96 19.43 8.28 -2.08
N PRO B 97 20.14 7.79 -1.06
CA PRO B 97 20.02 8.41 0.27
C PRO B 97 20.29 9.89 0.20
N LEU B 98 19.57 10.67 1.01
CA LEU B 98 19.70 12.12 1.04
C LEU B 98 20.62 12.54 2.18
N SER B 99 21.58 13.41 1.87
CA SER B 99 22.45 13.95 2.93
C SER B 99 21.79 15.10 3.67
N ARG B 100 21.15 16.01 2.95
CA ARG B 100 20.47 17.14 3.54
C ARG B 100 19.04 17.20 3.00
N MET B 101 18.17 17.84 3.77
CA MET B 101 16.79 18.01 3.32
C MET B 101 16.76 18.86 2.06
N PRO B 102 16.15 18.39 0.98
CA PRO B 102 16.02 19.23 -0.21
C PRO B 102 15.26 20.51 0.12
N LYS B 103 15.73 21.62 -0.43
CA LYS B 103 14.95 22.85 -0.36
C LYS B 103 13.81 22.74 -1.37
N GLY B 104 12.61 23.10 -0.93
CA GLY B 104 11.49 23.11 -1.84
C GLY B 104 10.91 21.72 -2.10
N MET B 105 10.21 21.63 -3.23
CA MET B 105 9.32 20.52 -3.52
C MET B 105 10.09 19.21 -3.64
N TRP B 106 9.55 18.15 -3.04
CA TRP B 106 10.16 16.84 -3.13
C TRP B 106 9.09 15.78 -3.39
N ILE B 107 9.39 14.83 -4.27
CA ILE B 107 8.45 13.77 -4.64
C ILE B 107 9.12 12.42 -4.42
N CYS B 108 8.40 11.50 -3.77
CA CYS B 108 8.97 10.24 -3.31
C CYS B 108 9.07 9.21 -4.45
N GLN B 109 9.80 8.13 -4.17
N GLN B 109 9.82 8.13 -4.19
CA GLN B 109 10.08 7.12 -5.19
CA GLN B 109 10.07 7.15 -5.25
C GLN B 109 8.83 6.39 -5.65
C GLN B 109 8.79 6.43 -5.68
N VAL B 110 7.83 6.26 -4.78
CA VAL B 110 6.58 5.59 -5.16
C VAL B 110 5.84 6.42 -6.20
N CYS B 111 5.87 7.74 -6.04
CA CYS B 111 5.18 8.63 -6.98
C CYS B 111 5.96 8.77 -8.29
N ARG B 112 7.27 8.49 -8.29
CA ARG B 112 8.04 8.76 -9.50
C ARG B 112 7.81 7.66 -10.52
N PRO B 113 7.64 8.01 -11.80
CA PRO B 113 7.35 6.99 -12.81
C PRO B 113 8.55 6.08 -13.02
N LYS B 114 8.32 5.02 -13.79
CA LYS B 114 9.34 4.00 -14.02
C LYS B 114 9.99 4.15 -15.40
N ALA C 1 11.66 20.99 1.37
CA ALA C 1 10.94 19.73 1.60
C ALA C 1 10.11 19.86 2.86
N ARG C 2 9.04 19.07 2.98
CA ARG C 2 8.19 19.11 4.17
C ARG C 2 8.69 18.13 5.21
N THR C 3 8.85 18.62 6.44
CA THR C 3 9.36 17.84 7.56
C THR C 3 8.36 17.92 8.70
N LYS C 4 8.64 17.19 9.78
CA LYS C 4 7.78 17.34 10.95
C LYS C 4 7.84 18.78 11.47
N GLN C 5 8.98 19.46 11.33
CA GLN C 5 9.10 20.85 11.79
C GLN C 5 8.29 21.80 10.93
N THR C 6 8.45 21.71 9.61
CA THR C 6 7.70 22.60 8.73
C THR C 6 6.20 22.31 8.83
N ALA C 7 5.82 21.04 8.96
CA ALA C 7 4.41 20.69 9.01
C ALA C 7 3.72 21.32 10.23
N ARG C 8 4.29 21.14 11.42
CA ARG C 8 3.69 21.70 12.63
C ARG C 8 3.65 23.22 12.56
N LYS C 9 4.67 23.83 11.98
CA LYS C 9 4.67 25.28 11.83
C LYS C 9 3.60 25.73 10.84
N SER C 10 3.34 24.93 9.80
CA SER C 10 2.34 25.32 8.80
C SER C 10 0.92 25.12 9.31
N THR C 11 0.66 24.01 10.00
CA THR C 11 -0.66 23.77 10.56
C THR C 11 -0.91 24.52 11.85
N GLY C 12 0.15 24.91 12.57
CA GLY C 12 0.00 25.32 13.94
C GLY C 12 -0.19 24.10 14.83
N GLY C 13 -0.43 24.37 16.11
CA GLY C 13 -0.60 23.26 17.04
C GLY C 13 -1.89 22.49 16.87
N KCR C 14 -1.92 21.27 17.43
CA KCR C 14 -3.16 20.60 17.62
CB KCR C 14 -2.98 19.17 18.09
CG KCR C 14 -2.44 18.25 16.99
CD KCR C 14 -1.98 16.96 17.68
CE KCR C 14 -1.34 16.05 16.62
NZ KCR C 14 -2.43 15.37 15.98
CH KCR C 14 -2.47 15.40 14.55
OH KCR C 14 -1.61 16.00 13.96
CX KCR C 14 -3.62 14.70 13.82
CY KCR C 14 -3.80 14.88 12.49
CH3 KCR C 14 -4.97 14.18 11.82
C KCR C 14 -3.84 21.41 18.68
O KCR C 14 -3.16 21.95 19.59
N ALA C 15 -5.16 21.53 18.60
CA ALA C 15 -5.89 22.19 19.68
C ALA C 15 -5.70 21.40 20.98
N PRO C 16 -5.62 22.09 22.13
CA PRO C 16 -5.53 21.41 23.43
C PRO C 16 -6.77 20.58 23.77
N ALA D 1 -1.01 -18.59 6.91
CA ALA D 1 -1.23 -17.66 5.81
C ALA D 1 -0.17 -17.78 4.71
N ARG D 2 -0.53 -17.40 3.50
CA ARG D 2 0.38 -17.39 2.37
C ARG D 2 1.09 -16.05 2.31
N THR D 3 2.40 -16.09 2.07
CA THR D 3 3.15 -14.85 1.95
C THR D 3 3.84 -14.85 0.60
N LYS D 4 4.47 -13.72 0.28
CA LYS D 4 5.23 -13.63 -0.95
C LYS D 4 6.31 -14.71 -1.00
N GLN D 5 6.84 -15.09 0.16
CA GLN D 5 7.86 -16.12 0.23
C GLN D 5 7.27 -17.51 0.06
N THR D 6 6.18 -17.82 0.79
CA THR D 6 5.58 -19.15 0.67
C THR D 6 5.08 -19.42 -0.76
N ALA D 7 4.47 -18.41 -1.37
CA ALA D 7 3.97 -18.57 -2.74
C ALA D 7 5.12 -18.80 -3.71
N ARG D 8 6.18 -17.99 -3.60
CA ARG D 8 7.34 -18.13 -4.49
C ARG D 8 7.94 -19.52 -4.41
N LYS D 9 8.03 -20.09 -3.20
CA LYS D 9 8.54 -21.44 -3.08
C LYS D 9 7.51 -22.48 -3.51
N SER D 10 6.24 -22.25 -3.19
CA SER D 10 5.17 -23.19 -3.54
C SER D 10 5.14 -23.50 -5.03
N THR D 11 5.41 -22.50 -5.87
CA THR D 11 5.44 -22.69 -7.31
C THR D 11 6.75 -23.30 -7.80
N GLY D 12 7.81 -23.19 -7.03
CA GLY D 12 9.13 -23.45 -7.57
C GLY D 12 9.54 -22.30 -8.46
N GLY D 13 10.69 -22.47 -9.09
CA GLY D 13 11.22 -21.42 -9.95
C GLY D 13 10.47 -21.18 -11.24
N KCR D 14 10.60 -19.98 -11.78
CA KCR D 14 10.24 -19.70 -13.12
CB KCR D 14 10.36 -18.22 -13.42
CG KCR D 14 9.36 -17.40 -12.61
CD KCR D 14 9.75 -15.92 -12.67
CE KCR D 14 8.80 -15.10 -11.78
NZ KCR D 14 7.60 -14.87 -12.55
CH KCR D 14 6.28 -15.05 -12.02
OH KCR D 14 6.08 -15.39 -10.86
CX KCR D 14 5.11 -14.78 -12.96
CY KCR D 14 3.87 -15.15 -12.59
CH3 KCR D 14 2.72 -14.88 -13.52
C KCR D 14 11.17 -20.52 -14.01
O KCR D 14 12.33 -20.80 -13.62
N ALA D 15 10.71 -20.91 -15.19
CA ALA D 15 11.60 -21.61 -16.12
C ALA D 15 12.77 -20.73 -16.53
N PRO D 16 13.98 -21.30 -16.51
CA PRO D 16 15.13 -20.53 -17.03
C PRO D 16 15.19 -20.55 -18.56
ZN ZN E . 0.84 -1.94 3.38
ZN ZN F . 3.97 -8.83 -12.67
ZN ZN G . 2.29 -23.57 -16.55
ZN ZN H . -9.25 -10.95 -0.25
ZN ZN I . 4.84 10.20 -3.06
ZN ZN J . 13.18 4.39 6.70
ZN ZN K . -10.16 21.66 11.03
ZN ZN L . -2.34 8.67 13.88
#